data_7S6V
#
_entry.id   7S6V
#
_cell.length_a   156.163
_cell.length_b   39.871
_cell.length_c   62.801
_cell.angle_alpha   90.000
_cell.angle_beta   101.090
_cell.angle_gamma   90.000
#
_symmetry.space_group_name_H-M   'C 1 2 1'
#
loop_
_entity.id
_entity.type
_entity.pdbx_description
1 polymer 'Glycogen synthase kinase 3'
2 non-polymer 3-({4-[2-(3-chloroanilino)pyrimidin-4-yl]pyridin-2-yl}amino)propan-1-ol
3 non-polymer 1,2-ETHANEDIOL
4 non-polymer 'SULFATE ION'
5 water water
#
_entity_poly.entity_id   1
_entity_poly.type   'polypeptide(L)'
_entity_poly.pdbx_seq_one_letter_code
;SMSLNAADAADERSRKEMDRFQVERMAGQGTFGTVQLGKEKSTGMSVAIKKVIQDPRFRNRELQIMQDLAVLHHPNIVQL
QSYFYTLGERDRRDIYLNVVMEYVPDTLHRCCRNYYRRQVAPPPILIKVFLFQLIRSIGCLHLPSVNVCHRDIKPHNVLV
NEADGTLKLCDFGSAKKLSPSEPNVA(PTR)ICSRYYRAPELIFGNQHYTTSVDIWSVGCIFAEMMLGEPIFRGDNSAGQ
LHEIVRVLGCPSREVLRKLNPSHTDVDLYNSKGIPWSSVFCDHSLKDAKEAYDLLSALLQYLPEDRMKPYEALCHPYFDE
LHDSATKLPNNKDLPEDLFRFLPSEIEVMSEAQKAKLVRK
;
_entity_poly.pdbx_strand_id   A
#
loop_
_chem_comp.id
_chem_comp.type
_chem_comp.name
_chem_comp.formula
8II non-polymer 3-({4-[2-(3-chloroanilino)pyrimidin-4-yl]pyridin-2-yl}amino)propan-1-ol 'C18 H18 Cl N5 O'
EDO non-polymer 1,2-ETHANEDIOL 'C2 H6 O2'
SO4 non-polymer 'SULFATE ION' 'O4 S -2'
#
# COMPACT_ATOMS: atom_id res chain seq x y z
N MET A 2 22.44 -21.29 -9.93
CA MET A 2 21.40 -20.39 -9.44
C MET A 2 20.09 -21.12 -9.19
N SER A 3 19.98 -22.43 -9.50
CA SER A 3 18.74 -23.14 -9.36
C SER A 3 18.41 -23.27 -7.91
N LEU A 4 17.14 -23.36 -7.58
CA LEU A 4 16.70 -23.57 -6.22
C LEU A 4 16.99 -25.02 -5.84
N ASN A 5 17.28 -25.27 -4.57
CA ASN A 5 17.68 -26.62 -4.11
C ASN A 5 16.42 -27.48 -3.95
N ALA A 6 16.27 -28.46 -4.85
CA ALA A 6 15.23 -29.51 -4.90
C ALA A 6 15.07 -30.19 -3.53
N ALA A 7 16.14 -30.36 -2.78
CA ALA A 7 16.10 -31.02 -1.47
C ALA A 7 15.33 -30.20 -0.44
N ASP A 8 15.22 -28.90 -0.67
CA ASP A 8 14.47 -28.01 0.26
C ASP A 8 12.98 -28.07 -0.05
N ALA A 9 12.56 -28.66 -1.16
CA ALA A 9 11.12 -28.76 -1.49
C ALA A 9 10.44 -29.60 -0.42
N ALA A 10 9.25 -29.20 0.01
CA ALA A 10 8.50 -29.95 1.03
C ALA A 10 7.68 -31.08 0.38
N ASP A 11 7.45 -31.05 -0.92
CA ASP A 11 6.64 -32.04 -1.65
C ASP A 11 6.90 -31.88 -3.16
N GLU A 12 6.37 -32.85 -3.90
CA GLU A 12 6.62 -32.98 -5.35
C GLU A 12 6.09 -31.74 -6.07
N ARG A 13 4.86 -31.28 -5.75
CA ARG A 13 4.30 -30.06 -6.40
C ARG A 13 5.29 -28.91 -6.18
N SER A 14 5.85 -28.83 -4.98
CA SER A 14 6.76 -27.70 -4.65
C SER A 14 8.09 -27.82 -5.43
N ARG A 15 8.62 -29.04 -5.62
CA ARG A 15 9.87 -29.24 -6.40
C ARG A 15 9.63 -28.79 -7.84
N LYS A 16 8.46 -29.09 -8.37
CA LYS A 16 8.13 -28.72 -9.76
C LYS A 16 8.05 -27.19 -9.89
N GLU A 17 7.41 -26.52 -8.94
CA GLU A 17 7.28 -25.05 -8.99
C GLU A 17 8.68 -24.45 -8.82
N MET A 18 9.49 -24.98 -7.93
CA MET A 18 10.83 -24.40 -7.66
C MET A 18 11.67 -24.48 -8.94
N ASP A 19 11.50 -25.56 -9.71
CA ASP A 19 12.34 -25.75 -10.92
C ASP A 19 12.02 -24.68 -11.95
N ARG A 20 10.93 -23.90 -11.77
CA ARG A 20 10.57 -22.82 -12.70
C ARG A 20 11.48 -21.59 -12.54
N PHE A 21 12.20 -21.51 -11.43
CA PHE A 21 12.84 -20.22 -11.05
C PHE A 21 14.30 -20.46 -10.69
N GLN A 22 15.13 -19.50 -11.01
CA GLN A 22 16.54 -19.43 -10.53
C GLN A 22 16.61 -18.34 -9.48
N VAL A 23 17.41 -18.53 -8.44
CA VAL A 23 17.63 -17.43 -7.46
C VAL A 23 18.89 -16.65 -7.85
N GLU A 24 18.83 -15.33 -7.79
CA GLU A 24 19.97 -14.46 -8.13
C GLU A 24 20.64 -14.01 -6.82
N ARG A 25 19.90 -13.39 -5.96
CA ARG A 25 20.49 -12.81 -4.71
C ARG A 25 19.41 -12.48 -3.71
N MET A 26 19.78 -12.28 -2.45
CA MET A 26 18.83 -11.78 -1.45
C MET A 26 18.49 -10.31 -1.76
N ALA A 27 17.20 -9.96 -1.71
CA ALA A 27 16.79 -8.56 -1.89
C ALA A 27 16.65 -7.92 -0.51
N GLY A 28 15.95 -8.59 0.39
CA GLY A 28 15.80 -8.08 1.74
C GLY A 28 15.33 -9.15 2.69
N GLN A 29 15.49 -8.90 3.98
CA GLN A 29 15.04 -9.85 4.98
C GLN A 29 14.64 -9.13 6.25
N GLY A 30 13.88 -9.78 7.10
CA GLY A 30 13.32 -9.10 8.29
C GLY A 30 12.27 -9.96 8.95
N THR A 31 11.44 -9.40 9.83
CA THR A 31 10.48 -10.20 10.60
C THR A 31 9.50 -10.93 9.69
N PHE A 32 9.17 -10.36 8.53
CA PHE A 32 8.26 -11.00 7.52
C PHE A 32 8.80 -12.24 6.86
N GLY A 33 10.09 -12.41 6.86
CA GLY A 33 10.82 -13.52 6.27
C GLY A 33 11.82 -12.88 5.32
N THR A 34 11.95 -13.51 4.13
CA THR A 34 12.97 -13.12 3.24
C THR A 34 12.44 -12.95 1.86
N VAL A 35 13.03 -12.05 1.09
CA VAL A 35 12.64 -11.86 -0.29
C VAL A 35 13.89 -11.99 -1.13
N GLN A 36 13.94 -12.99 -2.00
CA GLN A 36 15.05 -13.13 -2.97
C GLN A 36 14.62 -12.60 -4.31
N LEU A 37 15.57 -11.96 -4.97
CA LEU A 37 15.48 -11.69 -6.42
C LEU A 37 15.82 -12.98 -7.16
N GLY A 38 14.95 -13.36 -8.09
CA GLY A 38 15.20 -14.51 -8.98
C GLY A 38 14.74 -14.20 -10.40
N LYS A 39 14.72 -15.24 -11.21
CA LYS A 39 14.33 -15.10 -12.59
C LYS A 39 13.52 -16.29 -13.01
N GLU A 40 12.39 -16.05 -13.66
CA GLU A 40 11.62 -17.17 -14.24
C GLU A 40 12.43 -17.69 -15.40
N LYS A 41 12.73 -18.99 -15.46
CA LYS A 41 13.65 -19.52 -16.49
C LYS A 41 13.00 -19.38 -17.86
N SER A 42 11.69 -19.59 -17.93
CA SER A 42 11.00 -19.61 -19.25
C SER A 42 11.01 -18.22 -19.93
N THR A 43 10.88 -17.15 -19.17
CA THR A 43 10.65 -15.79 -19.70
C THR A 43 11.83 -14.88 -19.41
N GLY A 44 12.69 -15.22 -18.47
CA GLY A 44 13.77 -14.33 -18.07
C GLY A 44 13.28 -13.28 -17.10
N MET A 45 11.99 -13.27 -16.83
CA MET A 45 11.39 -12.24 -15.97
C MET A 45 11.90 -12.21 -14.54
N SER A 46 12.17 -11.01 -14.02
CA SER A 46 12.61 -10.87 -12.66
C SER A 46 11.46 -11.13 -11.70
N VAL A 47 11.68 -11.95 -10.69
CA VAL A 47 10.65 -12.29 -9.69
C VAL A 47 11.16 -12.01 -8.29
N ALA A 48 10.21 -11.80 -7.37
CA ALA A 48 10.52 -11.67 -5.97
C ALA A 48 10.00 -12.99 -5.35
N ILE A 49 10.84 -13.76 -4.69
CA ILE A 49 10.50 -15.09 -4.08
C ILE A 49 10.47 -14.82 -2.59
N LYS A 50 9.28 -14.79 -2.00
CA LYS A 50 9.15 -14.43 -0.60
C LYS A 50 8.89 -15.63 0.27
N LYS A 51 9.75 -15.89 1.24
CA LYS A 51 9.51 -16.95 2.20
C LYS A 51 8.64 -16.32 3.25
N VAL A 52 7.45 -16.86 3.46
CA VAL A 52 6.52 -16.23 4.38
C VAL A 52 6.56 -16.76 5.80
N ILE A 53 6.89 -15.91 6.75
CA ILE A 53 6.83 -16.28 8.21
C ILE A 53 5.44 -15.94 8.71
N GLN A 54 4.69 -16.93 9.18
CA GLN A 54 3.30 -16.77 9.58
C GLN A 54 3.25 -16.78 11.10
N ASP A 55 2.80 -15.69 11.66
CA ASP A 55 2.59 -15.54 13.12
C ASP A 55 1.32 -16.26 13.49
N PRO A 56 1.35 -17.38 14.31
CA PRO A 56 0.13 -18.12 14.58
C PRO A 56 -0.90 -17.44 15.52
N ARG A 57 -0.60 -16.22 15.96
CA ARG A 57 -1.56 -15.48 16.77
C ARG A 57 -2.52 -14.80 15.82
N PHE A 58 -2.16 -14.77 14.54
CA PHE A 58 -3.00 -14.11 13.55
C PHE A 58 -3.36 -14.97 12.35
N ARG A 59 -4.49 -14.66 11.71
CA ARG A 59 -4.89 -15.36 10.50
C ARG A 59 -4.12 -14.77 9.34
N ASN A 60 -3.37 -15.60 8.64
CA ASN A 60 -2.55 -15.11 7.50
C ASN A 60 -3.33 -15.48 6.27
N ARG A 61 -3.65 -14.51 5.42
CA ARG A 61 -4.40 -14.77 4.22
C ARG A 61 -3.62 -14.37 2.95
N GLU A 62 -2.30 -14.39 3.05
CA GLU A 62 -1.46 -14.00 1.93
C GLU A 62 -1.75 -14.76 0.66
N LEU A 63 -1.76 -16.07 0.74
CA LEU A 63 -1.92 -16.90 -0.43
C LEU A 63 -3.32 -16.77 -0.98
N GLN A 64 -4.33 -16.85 -0.11
CA GLN A 64 -5.71 -16.86 -0.62
C GLN A 64 -6.08 -15.53 -1.25
N ILE A 65 -5.61 -14.40 -0.70
CA ILE A 65 -5.96 -13.10 -1.30
C ILE A 65 -5.14 -12.91 -2.59
N MET A 66 -3.85 -13.25 -2.54
CA MET A 66 -3.04 -13.20 -3.79
CA MET A 66 -3.05 -13.19 -3.78
C MET A 66 -3.66 -14.01 -5.00
N GLN A 67 -4.18 -15.18 -4.63
CA GLN A 67 -4.88 -15.97 -5.68
C GLN A 67 -6.17 -15.28 -6.17
N ASP A 68 -6.97 -14.71 -5.27
CA ASP A 68 -8.16 -13.90 -5.66
C ASP A 68 -7.76 -12.72 -6.53
N LEU A 69 -6.66 -12.01 -6.26
CA LEU A 69 -6.28 -10.80 -7.00
C LEU A 69 -5.58 -11.16 -8.31
N ALA A 70 -5.11 -12.40 -8.46
CA ALA A 70 -4.31 -12.73 -9.67
C ALA A 70 -5.24 -12.79 -10.89
N VAL A 71 -6.55 -12.90 -10.69
CA VAL A 71 -7.56 -12.91 -11.77
C VAL A 71 -7.56 -11.53 -12.45
N LEU A 72 -7.22 -10.48 -11.72
CA LEU A 72 -7.49 -9.07 -12.12
C LEU A 72 -6.34 -8.52 -12.95
N HIS A 73 -5.08 -8.92 -12.70
CA HIS A 73 -3.90 -8.30 -13.37
C HIS A 73 -3.98 -6.77 -13.28
N HIS A 74 -4.21 -6.20 -12.11
CA HIS A 74 -4.22 -4.72 -11.99
C HIS A 74 -2.78 -4.20 -12.06
N PRO A 75 -2.48 -3.08 -12.74
CA PRO A 75 -1.11 -2.59 -12.89
C PRO A 75 -0.45 -2.14 -11.59
N ASN A 76 -1.23 -1.89 -10.53
CA ASN A 76 -0.67 -1.38 -9.27
C ASN A 76 -0.83 -2.39 -8.14
N ILE A 77 -1.00 -3.65 -8.45
CA ILE A 77 -1.04 -4.73 -7.40
C ILE A 77 -0.07 -5.81 -7.87
N VAL A 78 0.76 -6.36 -6.99
CA VAL A 78 1.62 -7.48 -7.37
C VAL A 78 0.80 -8.68 -7.88
N GLN A 79 1.34 -9.44 -8.83
CA GLN A 79 0.63 -10.57 -9.45
C GLN A 79 1.29 -11.90 -9.08
N LEU A 80 0.56 -12.77 -8.44
CA LEU A 80 1.09 -14.10 -8.05
C LEU A 80 1.49 -14.87 -9.32
N GLN A 81 2.68 -15.44 -9.33
CA GLN A 81 3.22 -16.29 -10.41
C GLN A 81 3.24 -17.74 -9.98
N SER A 82 3.45 -17.99 -8.71
CA SER A 82 3.73 -19.34 -8.17
C SER A 82 3.60 -19.33 -6.64
N TYR A 83 3.31 -20.50 -6.07
CA TYR A 83 3.45 -20.73 -4.61
C TYR A 83 3.97 -22.14 -4.39
N PHE A 84 4.73 -22.32 -3.33
CA PHE A 84 5.34 -23.64 -3.04
C PHE A 84 5.78 -23.63 -1.58
N TYR A 85 6.08 -24.82 -1.07
CA TYR A 85 6.47 -25.02 0.33
C TYR A 85 7.91 -25.50 0.40
N THR A 86 8.66 -24.98 1.36
CA THR A 86 10.07 -25.34 1.55
C THR A 86 10.34 -25.75 2.98
N LEU A 87 11.33 -26.60 3.15
CA LEU A 87 11.78 -26.96 4.52
C LEU A 87 12.71 -25.89 5.06
N GLY A 88 12.72 -25.64 6.36
CA GLY A 88 13.56 -24.59 6.96
C GLY A 88 15.06 -24.83 6.76
N GLU A 89 15.85 -23.77 6.71
CA GLU A 89 17.30 -23.92 6.64
C GLU A 89 17.87 -24.10 8.04
N ARG A 90 17.42 -23.33 9.04
CA ARG A 90 17.96 -23.41 10.40
C ARG A 90 17.42 -24.65 11.11
N ASP A 91 16.23 -25.11 10.74
CA ASP A 91 15.57 -26.33 11.30
C ASP A 91 14.63 -26.90 10.25
N ARG A 92 14.96 -28.07 9.76
CA ARG A 92 14.30 -28.67 8.59
C ARG A 92 12.92 -29.21 8.96
N ARG A 93 12.51 -29.18 10.23
CA ARG A 93 11.10 -29.49 10.57
C ARG A 93 10.13 -28.32 10.32
N ASP A 94 10.62 -27.09 10.30
CA ASP A 94 9.76 -25.95 9.88
C ASP A 94 9.46 -26.09 8.38
N ILE A 95 8.23 -25.81 7.98
CA ILE A 95 7.83 -25.70 6.56
C ILE A 95 7.29 -24.28 6.36
N TYR A 96 7.70 -23.68 5.25
CA TYR A 96 7.30 -22.28 4.94
C TYR A 96 6.60 -22.18 3.58
N LEU A 97 5.52 -21.46 3.57
CA LEU A 97 4.91 -20.96 2.32
C LEU A 97 5.91 -20.02 1.63
N ASN A 98 6.05 -20.18 0.31
CA ASN A 98 6.80 -19.24 -0.55
C ASN A 98 5.82 -18.74 -1.59
N VAL A 99 5.75 -17.43 -1.79
CA VAL A 99 4.97 -16.83 -2.89
C VAL A 99 5.91 -16.12 -3.85
N VAL A 100 5.65 -16.25 -5.11
CA VAL A 100 6.48 -15.65 -6.18
C VAL A 100 5.63 -14.64 -6.94
N MET A 101 6.17 -13.43 -7.12
CA MET A 101 5.47 -12.37 -7.83
C MET A 101 6.51 -11.63 -8.66
N GLU A 102 6.07 -10.69 -9.49
CA GLU A 102 7.03 -9.89 -10.24
C GLU A 102 7.83 -9.02 -9.29
N TYR A 103 9.09 -8.79 -9.64
CA TYR A 103 9.98 -8.02 -8.79
C TYR A 103 9.82 -6.53 -8.96
N VAL A 104 9.84 -5.79 -7.85
CA VAL A 104 9.80 -4.33 -7.90
C VAL A 104 11.08 -3.95 -7.17
N PRO A 105 11.89 -3.05 -7.75
CA PRO A 105 13.21 -2.78 -7.16
C PRO A 105 13.30 -2.20 -5.76
N ASP A 106 12.37 -1.35 -5.35
CA ASP A 106 12.49 -0.67 -4.08
C ASP A 106 11.20 -0.48 -3.34
N THR A 107 11.30 -0.17 -2.06
CA THR A 107 10.11 0.18 -1.30
C THR A 107 9.95 1.68 -1.35
N LEU A 108 8.73 2.16 -1.21
CA LEU A 108 8.44 3.62 -1.12
C LEU A 108 9.26 4.18 0.03
N HIS A 109 9.33 3.45 1.12
CA HIS A 109 10.14 3.90 2.29
C HIS A 109 11.57 4.30 1.84
N ARG A 110 12.31 3.38 1.25
CA ARG A 110 13.70 3.65 0.88
C ARG A 110 13.82 4.73 -0.18
N CYS A 111 12.91 4.75 -1.15
CA CYS A 111 12.95 5.73 -2.27
C CYS A 111 12.81 7.14 -1.67
N CYS A 112 11.91 7.29 -0.72
CA CYS A 112 11.71 8.60 -0.06
C CYS A 112 12.89 8.93 0.85
N ARG A 113 13.37 7.98 1.62
CA ARG A 113 14.46 8.17 2.60
C ARG A 113 15.73 8.60 1.86
N ASN A 114 15.90 8.16 0.62
CA ASN A 114 17.07 8.53 -0.19
C ASN A 114 17.09 10.04 -0.41
N TYR A 115 15.94 10.69 -0.61
CA TYR A 115 15.83 12.14 -0.80
C TYR A 115 16.06 12.83 0.54
N TYR A 116 15.37 12.41 1.59
CA TYR A 116 15.48 13.10 2.87
C TYR A 116 16.85 12.99 3.50
N ARG A 117 17.58 11.90 3.21
CA ARG A 117 18.98 11.79 3.70
C ARG A 117 19.84 12.78 2.91
N ARG A 118 19.41 13.31 1.78
CA ARG A 118 19.98 14.55 1.12
C ARG A 118 19.27 15.88 1.42
N GLN A 119 18.60 15.99 2.54
CA GLN A 119 18.08 17.28 3.02
C GLN A 119 17.04 17.92 2.07
N VAL A 120 16.29 17.08 1.34
CA VAL A 120 15.34 17.56 0.36
C VAL A 120 14.14 16.63 0.27
N ALA A 121 12.96 17.19 0.02
CA ALA A 121 11.78 16.37 -0.17
C ALA A 121 11.86 15.70 -1.55
N PRO A 122 11.19 14.56 -1.70
CA PRO A 122 11.17 13.99 -3.06
C PRO A 122 10.53 14.93 -4.11
N PRO A 123 10.84 14.75 -5.42
CA PRO A 123 10.27 15.67 -6.38
C PRO A 123 8.76 15.61 -6.36
N PRO A 124 8.09 16.75 -6.37
CA PRO A 124 6.63 16.77 -6.34
C PRO A 124 5.96 15.88 -7.38
N ILE A 125 6.50 15.79 -8.58
CA ILE A 125 5.82 14.96 -9.61
C ILE A 125 5.91 13.48 -9.22
N LEU A 126 7.00 13.06 -8.54
CA LEU A 126 7.07 11.65 -8.09
C LEU A 126 6.08 11.33 -6.99
N ILE A 127 5.93 12.23 -6.02
CA ILE A 127 4.98 12.05 -4.94
C ILE A 127 3.58 11.93 -5.58
N LYS A 128 3.29 12.78 -6.56
CA LYS A 128 1.99 12.78 -7.22
C LYS A 128 1.68 11.50 -7.99
N VAL A 129 2.54 11.03 -8.86
CA VAL A 129 2.29 9.79 -9.65
C VAL A 129 2.27 8.59 -8.71
N PHE A 130 3.10 8.64 -7.63
CA PHE A 130 3.02 7.56 -6.68
C PHE A 130 1.65 7.55 -5.98
N LEU A 131 1.21 8.72 -5.49
CA LEU A 131 -0.07 8.74 -4.80
C LEU A 131 -1.21 8.31 -5.70
N PHE A 132 -1.20 8.73 -6.95
CA PHE A 132 -2.24 8.36 -7.90
C PHE A 132 -2.34 6.84 -7.97
N GLN A 133 -1.21 6.17 -8.12
CA GLN A 133 -1.19 4.72 -8.29
C GLN A 133 -1.54 4.02 -6.99
N LEU A 134 -1.16 4.56 -5.86
CA LEU A 134 -1.52 3.96 -4.57
C LEU A 134 -3.04 4.07 -4.36
N ILE A 135 -3.62 5.22 -4.66
CA ILE A 135 -5.10 5.35 -4.58
C ILE A 135 -5.73 4.39 -5.57
N ARG A 136 -5.20 4.26 -6.77
CA ARG A 136 -5.75 3.28 -7.73
C ARG A 136 -5.73 1.89 -7.15
N SER A 137 -4.66 1.47 -6.44
CA SER A 137 -4.57 0.09 -5.92
C SER A 137 -5.70 -0.20 -4.92
N ILE A 138 -6.01 0.75 -4.05
CA ILE A 138 -7.08 0.54 -3.05
C ILE A 138 -8.45 0.71 -3.70
N GLY A 139 -8.57 1.53 -4.73
CA GLY A 139 -9.84 1.59 -5.51
C GLY A 139 -10.14 0.21 -6.01
N CYS A 140 -9.15 -0.48 -6.58
CA CYS A 140 -9.38 -1.83 -7.12
C CYS A 140 -9.74 -2.77 -5.98
N LEU A 141 -8.96 -2.79 -4.90
CA LEU A 141 -9.21 -3.68 -3.76
C LEU A 141 -10.66 -3.51 -3.29
N HIS A 142 -11.17 -2.30 -3.25
CA HIS A 142 -12.42 -1.96 -2.52
C HIS A 142 -13.64 -2.09 -3.46
N LEU A 143 -13.45 -2.41 -4.72
CA LEU A 143 -14.56 -2.69 -5.67
C LEU A 143 -15.49 -3.72 -5.06
N PRO A 144 -16.81 -3.64 -5.35
CA PRO A 144 -17.70 -4.68 -4.83
C PRO A 144 -17.38 -6.10 -5.29
N SER A 145 -16.74 -6.20 -6.45
CA SER A 145 -16.36 -7.48 -7.06
C SER A 145 -15.07 -8.06 -6.47
N VAL A 146 -14.38 -7.29 -5.65
CA VAL A 146 -13.08 -7.70 -5.04
C VAL A 146 -13.24 -7.66 -3.53
N ASN A 147 -13.57 -6.50 -2.95
CA ASN A 147 -13.96 -6.34 -1.55
C ASN A 147 -12.85 -6.79 -0.58
N VAL A 148 -11.61 -6.47 -0.89
CA VAL A 148 -10.41 -6.79 -0.07
C VAL A 148 -10.04 -5.51 0.69
N CYS A 149 -9.95 -5.62 2.02
CA CYS A 149 -9.37 -4.58 2.88
C CYS A 149 -7.93 -5.00 3.18
N HIS A 150 -6.97 -4.19 2.79
CA HIS A 150 -5.55 -4.59 3.00
C HIS A 150 -5.22 -4.63 4.51
N ARG A 151 -5.62 -3.58 5.26
CA ARG A 151 -5.54 -3.45 6.75
C ARG A 151 -4.12 -3.19 7.24
N ASP A 152 -3.08 -3.21 6.40
CA ASP A 152 -1.74 -2.89 6.87
C ASP A 152 -0.89 -2.13 5.84
N ILE A 153 -1.47 -1.10 5.23
CA ILE A 153 -0.73 -0.36 4.16
C ILE A 153 0.28 0.56 4.84
N LYS A 154 1.52 0.45 4.38
CA LYS A 154 2.62 1.20 5.00
C LYS A 154 3.74 1.39 3.97
N PRO A 155 4.68 2.32 4.19
CA PRO A 155 5.68 2.56 3.17
C PRO A 155 6.56 1.35 2.89
N HIS A 156 6.69 0.41 3.81
CA HIS A 156 7.45 -0.81 3.54
C HIS A 156 6.77 -1.83 2.60
N ASN A 157 5.43 -1.82 2.46
CA ASN A 157 4.72 -2.76 1.51
C ASN A 157 4.15 -1.98 0.29
N VAL A 158 4.52 -0.72 0.09
CA VAL A 158 4.23 0.00 -1.17
C VAL A 158 5.55 -0.03 -1.92
N LEU A 159 5.60 -0.67 -3.08
CA LEU A 159 6.85 -0.87 -3.80
C LEU A 159 6.90 0.07 -4.97
N VAL A 160 8.09 0.52 -5.34
CA VAL A 160 8.22 1.48 -6.41
C VAL A 160 9.43 1.26 -7.28
N ASN A 161 9.35 1.73 -8.53
CA ASN A 161 10.50 1.71 -9.42
C ASN A 161 10.65 3.19 -9.71
N GLU A 162 11.58 3.83 -9.05
CA GLU A 162 11.77 5.27 -9.21
C GLU A 162 12.04 5.72 -10.64
N ALA A 163 12.83 4.94 -11.36
CA ALA A 163 13.19 5.30 -12.73
C ALA A 163 12.00 5.40 -13.68
N ASP A 164 11.02 4.52 -13.55
CA ASP A 164 9.83 4.61 -14.41
C ASP A 164 8.58 5.16 -13.73
N GLY A 165 8.69 5.52 -12.46
CA GLY A 165 7.56 6.11 -11.76
C GLY A 165 6.43 5.15 -11.45
N THR A 166 6.72 3.85 -11.50
CA THR A 166 5.68 2.84 -11.25
C THR A 166 5.59 2.46 -9.79
N LEU A 167 4.43 1.96 -9.40
CA LEU A 167 4.14 1.57 -8.01
C LEU A 167 3.25 0.33 -7.95
N LYS A 168 3.54 -0.57 -6.99
CA LYS A 168 2.67 -1.74 -6.76
C LYS A 168 2.45 -1.92 -5.28
N LEU A 169 1.23 -2.23 -4.90
CA LEU A 169 0.94 -2.63 -3.51
C LEU A 169 1.20 -4.13 -3.32
N CYS A 170 1.73 -4.53 -2.16
CA CYS A 170 1.97 -5.94 -1.88
C CYS A 170 1.73 -6.23 -0.42
N ASP A 171 1.96 -7.47 0.01
CA ASP A 171 1.87 -7.85 1.44
C ASP A 171 0.46 -7.98 1.94
N PHE A 172 -0.26 -8.97 1.44
CA PHE A 172 -1.62 -9.24 1.89
C PHE A 172 -1.87 -10.25 3.02
N GLY A 173 -0.84 -10.59 3.80
CA GLY A 173 -1.06 -11.49 4.95
C GLY A 173 -2.10 -11.01 5.94
N SER A 174 -2.30 -9.70 6.14
CA SER A 174 -3.27 -9.12 7.08
C SER A 174 -4.61 -8.80 6.43
N ALA A 175 -4.72 -8.93 5.10
CA ALA A 175 -5.89 -8.49 4.35
C ALA A 175 -7.06 -9.44 4.64
N LYS A 176 -8.26 -8.89 4.48
CA LYS A 176 -9.46 -9.67 4.67
C LYS A 176 -10.67 -9.05 3.97
N LYS A 177 -11.58 -9.88 3.50
CA LYS A 177 -12.90 -9.36 3.01
C LYS A 177 -13.80 -9.07 4.20
N LEU A 178 -14.12 -7.80 4.47
CA LEU A 178 -14.96 -7.34 5.60
C LEU A 178 -16.46 -7.38 5.20
N SER A 179 -17.29 -7.49 6.22
CA SER A 179 -18.78 -7.53 6.10
C SER A 179 -19.33 -6.68 7.24
N PRO A 180 -20.34 -5.82 6.98
CA PRO A 180 -20.91 -5.11 8.13
C PRO A 180 -21.46 -6.06 9.20
N SER A 181 -21.73 -7.31 8.84
CA SER A 181 -22.29 -8.28 9.78
C SER A 181 -21.28 -9.20 10.47
N GLU A 182 -20.00 -9.02 10.20
CA GLU A 182 -19.00 -9.94 10.76
C GLU A 182 -17.86 -9.24 11.52
N PRO A 183 -17.29 -9.89 12.56
CA PRO A 183 -16.26 -9.21 13.38
C PRO A 183 -14.84 -9.46 12.99
N ASN A 184 -13.94 -8.53 13.36
CA ASN A 184 -12.59 -8.63 12.98
C ASN A 184 -11.69 -8.19 14.10
N VAL A 185 -10.40 -8.57 14.06
CA VAL A 185 -9.43 -8.11 15.04
C VAL A 185 -9.13 -6.62 14.84
N ALA A 186 -9.14 -5.82 15.91
CA ALA A 186 -8.87 -4.40 15.75
C ALA A 186 -7.39 -4.08 15.81
N PTR A 187 -6.63 -4.91 16.52
CA PTR A 187 -5.19 -4.71 16.63
C PTR A 187 -4.64 -5.23 15.33
O PTR A 187 -4.11 -6.37 15.29
CB PTR A 187 -4.68 -5.40 17.88
CG PTR A 187 -3.39 -4.76 18.37
CD1 PTR A 187 -3.45 -3.50 18.96
CD2 PTR A 187 -2.17 -5.40 18.24
CE1 PTR A 187 -2.30 -2.89 19.43
CE2 PTR A 187 -1.01 -4.77 18.70
CZ PTR A 187 -1.06 -3.52 19.29
OH PTR A 187 0.07 -2.91 19.76
P PTR A 187 1.07 -2.02 18.86
O1P PTR A 187 1.17 -2.78 17.56
O2P PTR A 187 2.34 -2.05 19.67
O3P PTR A 187 0.40 -0.67 18.77
N ILE A 188 -4.76 -4.43 14.29
CA ILE A 188 -4.32 -4.83 12.96
C ILE A 188 -3.66 -3.54 12.52
N CYS A 189 -2.85 -3.58 11.47
CA CYS A 189 -2.13 -2.41 10.97
C CYS A 189 -0.91 -2.02 11.77
N SER A 190 0.02 -1.28 11.17
CA SER A 190 1.17 -0.79 11.86
C SER A 190 0.64 0.42 12.59
N ARG A 191 1.06 0.65 13.82
CA ARG A 191 0.49 1.72 14.62
C ARG A 191 0.39 3.10 13.98
N TYR A 192 1.45 3.53 13.32
CA TYR A 192 1.46 4.93 12.80
C TYR A 192 0.40 5.14 11.67
N TYR A 193 -0.12 4.06 11.09
CA TYR A 193 -1.01 4.08 9.91
C TYR A 193 -2.43 3.66 10.31
N ARG A 194 -2.64 3.39 11.60
CA ARG A 194 -3.92 2.83 12.13
C ARG A 194 -5.01 3.92 12.21
N ALA A 195 -6.17 3.66 11.62
CA ALA A 195 -7.26 4.64 11.53
C ALA A 195 -7.87 4.88 12.92
N PRO A 196 -8.48 6.04 13.18
CA PRO A 196 -9.11 6.33 14.50
C PRO A 196 -10.08 5.24 14.97
N GLU A 197 -10.85 4.66 14.04
CA GLU A 197 -11.83 3.59 14.44
C GLU A 197 -11.12 2.34 14.95
N LEU A 198 -9.92 2.03 14.47
CA LEU A 198 -9.13 0.88 14.91
C LEU A 198 -8.51 1.21 16.29
N ILE A 199 -8.08 2.45 16.49
CA ILE A 199 -7.40 2.91 17.75
C ILE A 199 -8.42 2.69 18.87
N PHE A 200 -9.69 2.97 18.58
CA PHE A 200 -10.80 2.87 19.55
C PHE A 200 -11.22 1.41 19.80
N GLY A 201 -10.67 0.43 19.08
CA GLY A 201 -10.89 -1.02 19.28
C GLY A 201 -12.20 -1.52 18.68
N ASN A 202 -12.77 -0.78 17.73
CA ASN A 202 -13.95 -1.28 16.97
C ASN A 202 -13.62 -2.61 16.28
N GLN A 203 -14.47 -3.61 16.47
CA GLN A 203 -14.28 -4.90 15.81
C GLN A 203 -15.00 -4.89 14.48
N HIS A 204 -15.83 -3.89 14.25
CA HIS A 204 -16.44 -3.77 12.94
C HIS A 204 -16.01 -2.48 12.31
N TYR A 205 -15.48 -2.61 11.11
CA TYR A 205 -14.98 -1.45 10.43
C TYR A 205 -15.12 -1.71 8.95
N THR A 206 -14.61 -0.81 8.13
CA THR A 206 -14.83 -0.91 6.68
C THR A 206 -13.49 -0.71 5.96
N THR A 207 -13.56 -0.83 4.65
CA THR A 207 -12.38 -0.58 3.79
C THR A 207 -11.88 0.85 3.92
N SER A 208 -12.61 1.78 4.53
CA SER A 208 -12.13 3.18 4.71
C SER A 208 -10.88 3.22 5.61
N VAL A 209 -10.58 2.13 6.30
CA VAL A 209 -9.33 2.11 7.12
C VAL A 209 -8.09 2.23 6.20
N ASP A 210 -8.21 1.71 5.01
CA ASP A 210 -7.09 1.74 4.03
C ASP A 210 -6.99 3.13 3.44
N ILE A 211 -8.07 3.89 3.39
CA ILE A 211 -8.00 5.31 2.92
C ILE A 211 -7.18 6.13 3.92
N TRP A 212 -7.43 5.90 5.20
CA TRP A 212 -6.68 6.59 6.26
C TRP A 212 -5.18 6.31 6.12
N SER A 213 -4.83 5.05 5.98
CA SER A 213 -3.41 4.64 5.83
C SER A 213 -2.78 5.34 4.63
N VAL A 214 -3.47 5.35 3.50
CA VAL A 214 -2.97 6.07 2.32
C VAL A 214 -2.79 7.58 2.57
N GLY A 215 -3.73 8.24 3.27
CA GLY A 215 -3.52 9.63 3.66
C GLY A 215 -2.25 9.78 4.49
N CYS A 216 -2.03 8.89 5.46
CA CYS A 216 -0.82 8.88 6.31
C CYS A 216 0.43 8.82 5.46
N ILE A 217 0.38 8.00 4.41
CA ILE A 217 1.53 7.83 3.53
C ILE A 217 1.77 9.05 2.65
N PHE A 218 0.70 9.70 2.18
CA PHE A 218 0.85 10.94 1.42
C PHE A 218 1.63 11.96 2.29
N ALA A 219 1.15 12.11 3.53
CA ALA A 219 1.80 13.06 4.47
C ALA A 219 3.25 12.67 4.68
N GLU A 220 3.51 11.39 4.86
CA GLU A 220 4.87 10.92 5.13
C GLU A 220 5.80 11.25 3.93
N MET A 221 5.31 11.09 2.70
CA MET A 221 6.12 11.41 1.49
C MET A 221 6.51 12.87 1.52
N MET A 222 5.62 13.73 2.01
CA MET A 222 5.87 15.18 1.99
C MET A 222 6.62 15.65 3.26
N LEU A 223 6.66 14.87 4.32
CA LEU A 223 7.27 15.28 5.59
C LEU A 223 8.66 14.68 5.73
N GLY A 224 8.86 13.40 5.41
CA GLY A 224 10.15 12.73 5.66
C GLY A 224 10.13 11.83 6.87
N GLU A 225 9.06 11.85 7.65
CA GLU A 225 8.86 10.95 8.81
C GLU A 225 7.39 10.67 8.92
N PRO A 226 6.96 9.64 9.67
CA PRO A 226 5.55 9.42 9.87
C PRO A 226 4.91 10.61 10.59
N ILE A 227 3.70 10.92 10.16
CA ILE A 227 3.02 12.16 10.55
C ILE A 227 2.45 11.98 11.98
N PHE A 228 2.00 10.77 12.35
CA PHE A 228 1.33 10.46 13.63
C PHE A 228 2.14 9.38 14.32
N ARG A 229 3.19 9.79 15.05
CA ARG A 229 4.10 8.84 15.67
C ARG A 229 3.84 8.67 17.15
N GLY A 230 2.87 7.85 17.50
CA GLY A 230 2.49 7.62 18.92
C GLY A 230 3.29 6.48 19.53
N ASP A 231 3.46 6.48 20.87
CA ASP A 231 4.13 5.38 21.61
C ASP A 231 3.14 4.22 21.91
N ASN A 232 1.83 4.40 21.77
CA ASN A 232 0.85 3.31 22.03
C ASN A 232 -0.55 3.74 21.60
N SER A 233 -1.53 2.85 21.71
CA SER A 233 -2.93 3.11 21.30
C SER A 233 -3.33 4.53 21.76
N ALA A 234 -3.14 4.87 23.03
CA ALA A 234 -3.54 6.18 23.52
C ALA A 234 -2.67 7.29 23.00
N GLY A 235 -1.37 7.03 22.88
CA GLY A 235 -0.43 8.01 22.32
C GLY A 235 -0.74 8.30 20.85
N GLN A 236 -1.17 7.26 20.12
CA GLN A 236 -1.50 7.37 18.68
C GLN A 236 -2.65 8.36 18.52
N LEU A 237 -3.73 8.22 19.29
CA LEU A 237 -4.88 9.16 19.19
C LEU A 237 -4.42 10.57 19.55
N HIS A 238 -3.63 10.74 20.59
CA HIS A 238 -3.09 12.06 21.00
C HIS A 238 -2.31 12.76 19.87
N GLU A 239 -1.40 12.06 19.19
CA GLU A 239 -0.59 12.58 18.04
C GLU A 239 -1.49 12.99 16.88
N ILE A 240 -2.52 12.20 16.60
CA ILE A 240 -3.51 12.55 15.54
C ILE A 240 -4.20 13.86 15.87
N VAL A 241 -4.75 13.98 17.08
CA VAL A 241 -5.49 15.19 17.48
C VAL A 241 -4.54 16.38 17.59
N ARG A 242 -3.30 16.16 18.02
CA ARG A 242 -2.31 17.24 18.06
C ARG A 242 -2.13 17.88 16.70
N VAL A 243 -2.20 17.08 15.63
CA VAL A 243 -1.98 17.59 14.26
C VAL A 243 -3.28 18.07 13.64
N LEU A 244 -4.36 17.30 13.72
CA LEU A 244 -5.60 17.55 12.93
C LEU A 244 -6.54 18.52 13.63
N GLY A 245 -6.40 18.66 14.94
CA GLY A 245 -7.43 19.35 15.74
C GLY A 245 -8.30 18.33 16.40
N CYS A 246 -8.81 18.64 17.60
CA CYS A 246 -9.68 17.71 18.32
C CYS A 246 -11.04 17.71 17.65
N PRO A 247 -11.60 16.50 17.39
CA PRO A 247 -12.88 16.43 16.68
C PRO A 247 -14.02 16.78 17.65
N SER A 248 -15.22 17.08 17.14
CA SER A 248 -16.40 17.44 17.98
C SER A 248 -16.67 16.30 18.96
N ARG A 249 -17.50 16.53 19.97
CA ARG A 249 -17.88 15.45 20.87
C ARG A 249 -18.76 14.39 20.19
N GLU A 250 -19.56 14.77 19.20
CA GLU A 250 -20.45 13.82 18.46
C GLU A 250 -19.59 12.87 17.61
N VAL A 251 -18.55 13.41 16.96
CA VAL A 251 -17.56 12.59 16.18
C VAL A 251 -16.95 11.52 17.11
N LEU A 252 -16.38 11.92 18.26
CA LEU A 252 -15.66 11.00 19.19
C LEU A 252 -16.63 9.92 19.73
N ARG A 253 -17.91 10.26 19.94
CA ARG A 253 -18.92 9.28 20.45
C ARG A 253 -19.23 8.28 19.32
N LYS A 254 -19.35 8.73 18.06
CA LYS A 254 -19.52 7.81 16.90
C LYS A 254 -18.31 6.85 16.84
N LEU A 255 -17.06 7.30 17.05
CA LEU A 255 -15.85 6.42 16.97
C LEU A 255 -15.76 5.49 18.20
N ASN A 256 -16.20 5.95 19.38
CA ASN A 256 -16.16 5.14 20.62
C ASN A 256 -17.49 4.39 20.77
N TYR A 265 -7.89 16.02 25.32
CA TYR A 265 -7.43 17.38 25.10
C TYR A 265 -8.28 18.08 24.08
N ASN A 266 -8.05 19.38 23.88
CA ASN A 266 -8.79 20.12 22.86
C ASN A 266 -7.81 20.89 22.01
N SER A 267 -7.10 20.19 21.14
CA SER A 267 -6.10 20.84 20.31
C SER A 267 -6.66 21.64 19.16
N LYS A 268 -6.00 22.75 18.80
CA LYS A 268 -6.43 23.56 17.64
C LYS A 268 -5.98 22.85 16.36
N GLY A 269 -5.01 21.95 16.51
CA GLY A 269 -4.30 21.33 15.36
C GLY A 269 -3.26 22.25 14.73
N ILE A 270 -2.53 21.74 13.75
CA ILE A 270 -1.40 22.46 13.08
C ILE A 270 -1.78 22.58 11.60
N PRO A 271 -1.72 23.77 10.97
CA PRO A 271 -1.98 23.91 9.53
C PRO A 271 -1.00 23.04 8.73
N TRP A 272 -1.42 22.45 7.60
CA TRP A 272 -0.46 21.62 6.82
C TRP A 272 0.76 22.45 6.42
N SER A 273 0.57 23.73 6.11
CA SER A 273 1.69 24.60 5.67
C SER A 273 2.80 24.60 6.73
N SER A 274 2.40 24.56 8.01
CA SER A 274 3.33 24.50 9.16
C SER A 274 3.96 23.11 9.30
N VAL A 275 3.20 22.06 9.05
CA VAL A 275 3.72 20.69 9.19
C VAL A 275 4.84 20.48 8.18
N PHE A 276 4.64 20.83 6.90
CA PHE A 276 5.55 20.37 5.81
C PHE A 276 6.68 21.34 5.48
N CYS A 277 6.46 22.61 5.72
CA CYS A 277 7.45 23.70 5.51
C CYS A 277 7.99 23.57 4.09
N ASP A 278 7.09 23.63 3.12
CA ASP A 278 7.46 23.47 1.73
C ASP A 278 6.82 24.58 0.93
N HIS A 279 7.53 25.68 0.76
CA HIS A 279 6.98 26.82 0.05
C HIS A 279 7.27 26.77 -1.45
N SER A 280 7.95 25.73 -1.90
CA SER A 280 8.22 25.58 -3.33
C SER A 280 7.13 24.78 -4.04
N LEU A 281 6.35 24.03 -3.28
CA LEU A 281 5.27 23.15 -3.87
C LEU A 281 4.19 24.06 -4.47
N LYS A 282 4.11 24.13 -5.81
CA LYS A 282 3.31 25.14 -6.55
C LYS A 282 1.83 24.89 -6.28
N ASP A 283 1.39 23.64 -6.13
CA ASP A 283 -0.06 23.35 -5.94
C ASP A 283 -0.34 22.83 -4.54
N ALA A 284 0.36 23.38 -3.55
CA ALA A 284 0.21 22.95 -2.15
C ALA A 284 -1.25 23.04 -1.74
N LYS A 285 -1.94 24.13 -2.08
CA LYS A 285 -3.33 24.25 -1.58
C LYS A 285 -4.16 23.02 -2.01
N GLU A 286 -4.01 22.59 -3.28
CA GLU A 286 -4.66 21.39 -3.87
C GLU A 286 -4.16 20.12 -3.14
N ALA A 287 -2.86 20.01 -2.92
CA ALA A 287 -2.30 18.80 -2.26
C ALA A 287 -2.91 18.65 -0.88
N TYR A 288 -2.99 19.79 -0.16
CA TYR A 288 -3.43 19.77 1.23
C TYR A 288 -4.95 19.60 1.31
N ASP A 289 -5.71 20.08 0.33
CA ASP A 289 -7.14 19.77 0.24
C ASP A 289 -7.37 18.24 0.12
N LEU A 290 -6.61 17.64 -0.78
CA LEU A 290 -6.69 16.16 -0.97
C LEU A 290 -6.32 15.49 0.35
N LEU A 291 -5.19 15.84 0.94
CA LEU A 291 -4.78 15.16 2.18
C LEU A 291 -5.86 15.25 3.25
N SER A 292 -6.46 16.43 3.44
CA SER A 292 -7.54 16.61 4.46
C SER A 292 -8.76 15.71 4.17
N ALA A 293 -9.05 15.50 2.89
CA ALA A 293 -10.21 14.69 2.42
C ALA A 293 -9.95 13.22 2.68
N LEU A 294 -8.67 12.79 2.67
CA LEU A 294 -8.30 11.40 3.01
C LEU A 294 -8.35 11.21 4.54
N LEU A 295 -7.81 12.18 5.28
CA LEU A 295 -7.68 12.07 6.74
C LEU A 295 -8.87 12.56 7.56
N GLN A 296 -10.07 12.24 7.13
CA GLN A 296 -11.31 12.57 7.90
C GLN A 296 -11.39 11.62 9.09
N TYR A 297 -11.79 12.11 10.27
CA TYR A 297 -11.89 11.21 11.44
C TYR A 297 -12.94 10.13 11.19
N LEU A 298 -14.09 10.51 10.61
CA LEU A 298 -15.16 9.56 10.40
C LEU A 298 -14.89 8.79 9.12
N PRO A 299 -14.98 7.46 9.16
CA PRO A 299 -14.64 6.69 7.97
C PRO A 299 -15.52 7.03 6.76
N GLU A 300 -16.82 7.23 7.00
CA GLU A 300 -17.77 7.47 5.89
C GLU A 300 -17.49 8.83 5.25
N ASP A 301 -16.74 9.72 5.86
CA ASP A 301 -16.48 11.08 5.34
C ASP A 301 -15.21 11.12 4.47
N ARG A 302 -14.40 10.08 4.52
CA ARG A 302 -13.13 10.07 3.73
C ARG A 302 -13.46 9.94 2.25
N MET A 303 -12.69 10.67 1.46
CA MET A 303 -12.86 10.69 0.00
C MET A 303 -12.57 9.29 -0.53
N LYS A 304 -13.49 8.76 -1.34
CA LYS A 304 -13.38 7.40 -1.91
C LYS A 304 -12.40 7.40 -3.09
N PRO A 305 -11.62 6.34 -3.27
CA PRO A 305 -10.56 6.32 -4.27
C PRO A 305 -10.93 6.85 -5.65
N TYR A 306 -12.00 6.39 -6.27
CA TYR A 306 -12.25 6.84 -7.65
C TYR A 306 -12.52 8.32 -7.72
N GLU A 307 -13.07 8.88 -6.66
CA GLU A 307 -13.27 10.31 -6.65
C GLU A 307 -11.95 11.03 -6.40
N ALA A 308 -11.12 10.46 -5.55
CA ALA A 308 -9.82 11.06 -5.28
C ALA A 308 -8.98 11.10 -6.53
N LEU A 309 -9.08 10.05 -7.35
CA LEU A 309 -8.35 10.05 -8.67
C LEU A 309 -8.72 11.23 -9.55
N CYS A 310 -9.96 11.78 -9.40
CA CYS A 310 -10.42 12.94 -10.19
C CYS A 310 -10.05 14.27 -9.54
N HIS A 311 -9.42 14.27 -8.39
CA HIS A 311 -9.08 15.50 -7.64
C HIS A 311 -8.17 16.37 -8.46
N PRO A 312 -8.40 17.70 -8.46
CA PRO A 312 -7.52 18.57 -9.26
C PRO A 312 -6.00 18.47 -9.05
N TYR A 313 -5.59 18.02 -7.87
CA TYR A 313 -4.18 17.73 -7.58
C TYR A 313 -3.55 16.90 -8.75
N PHE A 314 -4.33 15.98 -9.32
CA PHE A 314 -3.81 15.01 -10.34
C PHE A 314 -3.90 15.58 -11.75
N ASP A 315 -4.42 16.79 -11.94
CA ASP A 315 -4.65 17.27 -13.33
C ASP A 315 -3.42 17.15 -14.23
N GLU A 316 -2.21 17.45 -13.74
CA GLU A 316 -1.06 17.49 -14.66
C GLU A 316 -0.68 16.06 -15.08
N LEU A 317 -1.20 15.01 -14.45
CA LEU A 317 -0.88 13.63 -14.89
C LEU A 317 -1.58 13.30 -16.23
N HIS A 318 -2.53 14.12 -16.65
CA HIS A 318 -3.20 13.89 -17.93
C HIS A 318 -2.46 14.54 -19.10
N ASP A 319 -1.46 15.36 -18.81
CA ASP A 319 -0.74 16.08 -19.87
C ASP A 319 0.45 15.30 -20.38
N SER A 320 0.51 15.08 -21.70
CA SER A 320 1.61 14.34 -22.30
C SER A 320 2.95 15.03 -22.09
N ALA A 321 2.91 16.34 -21.88
CA ALA A 321 4.15 17.12 -21.67
C ALA A 321 4.70 16.93 -20.26
N THR A 322 3.91 16.41 -19.32
CA THR A 322 4.37 16.15 -17.93
C THR A 322 5.38 14.99 -17.92
N LYS A 323 6.55 15.21 -17.35
CA LYS A 323 7.57 14.16 -17.32
C LYS A 323 8.02 13.87 -15.87
N LEU A 324 8.61 12.69 -15.70
CA LEU A 324 9.22 12.32 -14.43
C LEU A 324 10.53 13.10 -14.32
N PRO A 325 11.15 13.07 -13.11
CA PRO A 325 12.32 13.90 -12.81
C PRO A 325 13.50 13.59 -13.74
N ASN A 326 13.52 12.41 -14.33
CA ASN A 326 14.62 11.95 -15.21
C ASN A 326 14.24 12.17 -16.70
N ASN A 327 13.19 12.96 -16.94
CA ASN A 327 12.68 13.40 -18.25
C ASN A 327 11.94 12.26 -18.96
N LYS A 328 11.72 11.13 -18.29
CA LYS A 328 10.96 9.97 -18.84
C LYS A 328 9.46 10.28 -18.84
N ASP A 329 8.74 9.68 -19.79
CA ASP A 329 7.27 9.79 -19.88
C ASP A 329 6.66 9.17 -18.63
N LEU A 330 5.48 9.65 -18.26
CA LEU A 330 4.73 9.02 -17.15
C LEU A 330 4.42 7.60 -17.55
N PRO A 331 4.15 6.73 -16.58
CA PRO A 331 3.79 5.36 -16.88
C PRO A 331 2.58 5.21 -17.82
N GLU A 332 2.65 4.33 -18.79
CA GLU A 332 1.58 4.18 -19.76
C GLU A 332 0.27 3.64 -19.20
N ASP A 333 0.33 2.95 -18.06
CA ASP A 333 -0.87 2.33 -17.51
C ASP A 333 -1.66 3.19 -16.51
N LEU A 334 -1.20 4.40 -16.22
CA LEU A 334 -1.88 5.24 -15.26
C LEU A 334 -3.37 5.34 -15.48
N PHE A 335 -3.78 5.51 -16.72
CA PHE A 335 -5.22 5.72 -17.04
C PHE A 335 -5.76 4.51 -17.81
N ARG A 336 -5.10 3.35 -17.69
CA ARG A 336 -5.58 2.06 -18.28
C ARG A 336 -6.34 1.36 -17.16
N PHE A 337 -7.68 1.43 -17.18
CA PHE A 337 -8.48 0.86 -16.10
C PHE A 337 -9.09 -0.48 -16.57
N LEU A 338 -9.30 -1.38 -15.61
CA LEU A 338 -9.82 -2.70 -15.92
C LEU A 338 -11.33 -2.58 -16.15
N PRO A 339 -11.92 -3.53 -16.90
CA PRO A 339 -13.37 -3.37 -17.07
C PRO A 339 -14.17 -3.39 -15.78
N SER A 340 -13.72 -4.13 -14.79
CA SER A 340 -14.41 -4.24 -13.50
C SER A 340 -14.38 -2.87 -12.76
N GLU A 341 -13.40 -2.01 -13.04
CA GLU A 341 -13.38 -0.67 -12.49
C GLU A 341 -14.24 0.29 -13.29
N ILE A 342 -14.11 0.25 -14.61
CA ILE A 342 -14.84 1.21 -15.48
C ILE A 342 -16.35 1.03 -15.26
N GLU A 343 -16.76 -0.23 -15.11
CA GLU A 343 -18.21 -0.59 -15.18
C GLU A 343 -18.91 -0.10 -13.91
N VAL A 344 -18.20 0.26 -12.82
CA VAL A 344 -18.80 0.81 -11.58
C VAL A 344 -18.47 2.29 -11.36
N MET A 345 -17.73 2.92 -12.26
CA MET A 345 -17.48 4.38 -12.18
C MET A 345 -18.78 5.15 -12.44
N SER A 346 -18.84 6.37 -11.93
CA SER A 346 -19.96 7.24 -12.26
C SER A 346 -19.65 7.80 -13.65
N GLU A 347 -20.63 8.40 -14.30
CA GLU A 347 -20.42 9.03 -15.62
C GLU A 347 -19.31 10.09 -15.49
N ALA A 348 -19.28 10.87 -14.42
CA ALA A 348 -18.28 11.95 -14.28
C ALA A 348 -16.88 11.33 -14.15
N GLN A 349 -16.74 10.30 -13.32
CA GLN A 349 -15.43 9.61 -13.16
C GLN A 349 -14.97 9.03 -14.50
N LYS A 350 -15.86 8.39 -15.24
CA LYS A 350 -15.49 7.89 -16.56
C LYS A 350 -15.00 9.01 -17.50
N ALA A 351 -15.73 10.13 -17.53
CA ALA A 351 -15.42 11.29 -18.41
C ALA A 351 -13.99 11.74 -18.07
N LYS A 352 -13.67 11.78 -16.79
CA LYS A 352 -12.38 12.35 -16.32
C LYS A 352 -11.27 11.33 -16.57
N LEU A 353 -11.46 10.08 -16.20
CA LEU A 353 -10.37 9.10 -16.19
C LEU A 353 -10.19 8.18 -17.35
N VAL A 354 -11.23 7.95 -18.15
CA VAL A 354 -11.19 6.96 -19.22
C VAL A 354 -11.31 7.65 -20.58
C4 8II B . 13.58 -5.39 -0.63
C14 8II B . 7.70 -7.78 -0.41
C5 8II B . 13.71 -4.78 -1.85
C6 8II B . 12.86 -5.10 -2.89
C11 8II B . 7.22 -8.19 -1.64
C7 8II B . 9.78 -6.94 -3.90
C8 8II B . 7.93 -7.85 -2.89
C9 8II B . 8.10 -7.69 -5.23
C10 8II B . 7.37 -8.07 -4.14
C12 8II B . 5.39 -9.19 -0.48
C13 8II B . 6.04 -8.91 -1.66
N1 8II B . 11.02 -6.34 -3.82
N2 8II B . 9.14 -7.27 -2.77
C3 8II B . 12.60 -6.32 -0.45
N3 8II B . 9.31 -7.13 -5.15
C1 8II B . 11.86 -6.06 -2.71
C2 8II B . 11.72 -6.68 -1.48
CL1 8II B . 12.44 -7.09 1.09
N4 8II B . 5.84 -8.79 0.72
C15 8II B . 6.99 -8.10 0.76
N5 8II B . 7.42 -7.73 1.98
C16 8II B . 8.62 -6.97 2.24
C17 8II B . 8.57 -5.58 1.65
C18 8II B . 9.80 -4.75 1.98
O1 8II B . 9.84 -4.40 3.36
C1 EDO C . -22.19 11.24 -12.05
O1 EDO C . -22.04 11.65 -13.41
C2 EDO C . -21.71 12.35 -11.12
O2 EDO C . -21.74 11.89 -9.77
S SO4 D . -9.36 -11.59 11.53
O1 SO4 D . -9.97 -10.25 11.69
O2 SO4 D . -8.14 -11.54 10.76
O3 SO4 D . -10.31 -12.49 10.92
O4 SO4 D . -9.03 -12.10 12.91
#